data_6KSN
#
_entry.id   6KSN
#
_cell.length_a   106.880
_cell.length_b   106.880
_cell.length_c   70.580
_cell.angle_alpha   90.000
_cell.angle_beta   90.000
_cell.angle_gamma   120.000
#
_symmetry.space_group_name_H-M   'P 32 2 1'
#
loop_
_entity.id
_entity.type
_entity.pdbx_description
1 polymer ICab3
2 non-polymer 'ZINC ION'
3 non-polymer 1,2-ETHANEDIOL
4 non-polymer 'SODIUM ION'
5 water water
#
_entity_poly.entity_id   1
_entity_poly.type   'polypeptide(L)'
_entity_poly.pdbx_seq_one_letter_code
;MDASQVQLEESGGGSVQAGGSLRLSCAASGYMYSTYSTYCMGWFRQAPGKEREGVAFIKRGDHSTYYTDSVKGRFTISQD
SAKNTVSLQMNNLKPEDTAIYYCAADFAHSFLLSVHSGAGQYSYWGQGTQVTVSS
;
_entity_poly.pdbx_strand_id   A,B
#
loop_
_chem_comp.id
_chem_comp.type
_chem_comp.name
_chem_comp.formula
EDO non-polymer 1,2-ETHANEDIOL 'C2 H6 O2'
NA non-polymer 'SODIUM ION' 'Na 1'
ZN non-polymer 'ZINC ION' 'Zn 2'
#
# COMPACT_ATOMS: atom_id res chain seq x y z
N ASP A 2 10.68 -7.00 -9.36
CA ASP A 2 9.55 -7.79 -9.75
C ASP A 2 9.76 -9.01 -8.92
N ALA A 3 10.81 -8.94 -8.11
CA ALA A 3 11.26 -10.04 -7.26
C ALA A 3 10.42 -10.15 -5.99
N SER A 4 10.77 -11.08 -5.11
CA SER A 4 9.99 -11.39 -3.91
C SER A 4 10.63 -10.86 -2.63
N GLN A 5 11.97 -10.88 -2.52
CA GLN A 5 12.66 -10.30 -1.38
C GLN A 5 13.11 -8.88 -1.70
N VAL A 6 12.25 -8.18 -2.44
CA VAL A 6 12.38 -6.77 -2.74
C VAL A 6 12.15 -5.95 -1.47
N GLN A 7 12.95 -4.91 -1.29
CA GLN A 7 12.79 -4.00 -0.17
C GLN A 7 12.93 -2.58 -0.70
N LEU A 8 11.94 -1.73 -0.44
CA LEU A 8 12.07 -0.33 -0.78
C LEU A 8 12.54 0.39 0.49
N GLU A 9 13.67 1.09 0.37
CA GLU A 9 14.27 1.78 1.49
C GLU A 9 14.14 3.28 1.26
N GLU A 10 13.48 3.95 2.18
CA GLU A 10 13.22 5.38 2.07
C GLU A 10 14.18 6.16 2.96
N SER A 11 14.41 7.42 2.59
CA SER A 11 15.26 8.30 3.35
C SER A 11 14.83 9.74 3.13
N GLY A 12 15.12 10.60 4.11
CA GLY A 12 14.76 11.99 4.02
C GLY A 12 13.48 12.30 4.76
N GLY A 13 12.78 13.35 4.34
CA GLY A 13 11.55 13.76 4.98
C GLY A 13 11.76 14.82 6.05
N GLY A 14 10.89 14.84 7.06
CA GLY A 14 11.01 15.79 8.16
C GLY A 14 9.91 16.84 8.23
N SER A 15 10.26 18.02 8.73
CA SER A 15 9.31 19.12 8.86
C SER A 15 10.05 20.42 8.57
N VAL A 16 9.35 21.36 7.91
CA VAL A 16 9.92 22.66 7.60
C VAL A 16 8.80 23.70 7.57
N GLN A 17 9.19 24.97 7.66
CA GLN A 17 8.23 26.06 7.53
C GLN A 17 7.87 26.25 6.06
N ALA A 18 6.67 26.79 5.82
CA ALA A 18 6.19 27.04 4.47
C ALA A 18 7.21 27.84 3.66
N GLY A 19 7.38 27.43 2.39
CA GLY A 19 8.35 28.01 1.50
C GLY A 19 9.66 27.27 1.45
N GLY A 20 9.99 26.51 2.48
CA GLY A 20 11.23 25.75 2.51
C GLY A 20 11.16 24.51 1.64
N SER A 21 12.20 23.70 1.76
CA SER A 21 12.32 22.55 0.89
C SER A 21 12.75 21.34 1.68
N LEU A 22 12.43 20.18 1.13
CA LEU A 22 12.82 18.89 1.66
C LEU A 22 13.12 17.98 0.49
N ARG A 23 13.74 16.83 0.79
CA ARG A 23 14.05 15.83 -0.23
C ARG A 23 13.76 14.44 0.32
N LEU A 24 13.09 13.61 -0.49
CA LEU A 24 12.92 12.20 -0.20
C LEU A 24 13.76 11.36 -1.15
N SER A 25 14.14 10.17 -0.69
CA SER A 25 14.88 9.25 -1.54
C SER A 25 14.36 7.83 -1.32
N CYS A 26 14.57 6.97 -2.32
CA CYS A 26 14.07 5.61 -2.21
C CYS A 26 14.93 4.69 -3.07
N ALA A 27 15.12 3.47 -2.59
CA ALA A 27 15.96 2.49 -3.27
C ALA A 27 15.22 1.18 -3.39
N ALA A 28 15.16 0.62 -4.59
CA ALA A 28 14.46 -0.64 -4.83
C ALA A 28 15.51 -1.73 -4.86
N SER A 29 15.70 -2.37 -3.71
CA SER A 29 16.78 -3.32 -3.56
C SER A 29 16.26 -4.73 -3.79
N GLY A 30 16.95 -5.47 -4.68
CA GLY A 30 16.61 -6.85 -4.95
C GLY A 30 15.56 -7.05 -6.03
N TYR A 31 15.07 -5.97 -6.64
CA TYR A 31 14.14 -6.03 -7.75
C TYR A 31 14.86 -6.51 -9.00
N MET A 32 14.56 -7.73 -9.46
CA MET A 32 15.15 -8.30 -10.68
C MET A 32 14.18 -8.18 -11.84
N TYR A 33 14.70 -7.94 -13.05
CA TYR A 33 13.80 -7.77 -14.18
C TYR A 33 14.55 -7.94 -15.50
N SER A 34 13.75 -8.14 -16.55
CA SER A 34 14.20 -8.42 -17.91
C SER A 34 14.94 -7.27 -18.59
N THR A 35 15.94 -7.62 -19.42
CA THR A 35 16.53 -6.59 -20.28
C THR A 35 15.49 -6.04 -21.26
N TYR A 36 14.39 -6.78 -21.52
CA TYR A 36 13.35 -6.32 -22.44
C TYR A 36 12.24 -5.52 -21.75
N SER A 37 12.39 -5.23 -20.47
CA SER A 37 11.35 -4.57 -19.70
C SER A 37 11.92 -3.46 -18.84
N THR A 38 11.00 -2.68 -18.27
CA THR A 38 11.36 -1.61 -17.34
C THR A 38 10.27 -1.51 -16.28
N TYR A 39 10.40 -0.55 -15.39
CA TYR A 39 9.36 -0.39 -14.37
C TYR A 39 9.44 1.02 -13.83
N CYS A 40 8.42 1.37 -13.06
CA CYS A 40 8.19 2.71 -12.57
C CYS A 40 8.37 2.77 -11.05
N MET A 41 8.78 3.95 -10.59
CA MET A 41 8.94 4.20 -9.17
C MET A 41 8.51 5.63 -8.88
N GLY A 42 7.95 5.83 -7.69
CA GLY A 42 7.58 7.18 -7.28
C GLY A 42 7.06 7.24 -5.86
N TRP A 43 6.29 8.29 -5.56
CA TRP A 43 5.74 8.50 -4.23
C TRP A 43 4.26 8.80 -4.30
N PHE A 44 3.50 8.12 -3.44
CA PHE A 44 2.17 8.52 -3.03
C PHE A 44 2.28 9.24 -1.69
N ARG A 45 1.29 10.05 -1.39
CA ARG A 45 1.23 10.68 -0.08
C ARG A 45 -0.18 10.52 0.46
N GLN A 46 -0.29 10.53 1.79
CA GLN A 46 -1.61 10.52 2.44
C GLN A 46 -1.61 11.47 3.64
N ALA A 47 -2.55 12.43 3.66
CA ALA A 47 -2.79 13.26 4.84
C ALA A 47 -3.81 12.60 5.77
N PRO A 48 -3.81 12.95 7.06
CA PRO A 48 -4.79 12.36 7.99
C PRO A 48 -6.22 12.51 7.50
N GLY A 49 -6.95 11.40 7.49
CA GLY A 49 -8.35 11.43 7.09
C GLY A 49 -8.62 11.71 5.63
N LYS A 50 -7.62 11.59 4.76
CA LYS A 50 -7.80 11.87 3.35
C LYS A 50 -7.29 10.71 2.53
N GLU A 51 -7.78 10.60 1.29
CA GLU A 51 -7.34 9.53 0.42
C GLU A 51 -5.88 9.74 0.01
N ARG A 52 -5.17 8.63 -0.16
CA ARG A 52 -3.81 8.72 -0.69
C ARG A 52 -3.85 9.19 -2.14
N GLU A 53 -2.81 9.89 -2.55
CA GLU A 53 -2.75 10.43 -3.90
C GLU A 53 -1.33 10.31 -4.43
N GLY A 54 -1.24 10.12 -5.73
CA GLY A 54 0.06 10.06 -6.37
C GLY A 54 0.67 11.45 -6.46
N VAL A 55 1.98 11.52 -6.22
CA VAL A 55 2.72 12.79 -6.18
C VAL A 55 3.57 12.96 -7.43
N ALA A 56 4.49 12.02 -7.68
CA ALA A 56 5.36 12.07 -8.83
C ALA A 56 5.94 10.68 -9.06
N PHE A 57 6.16 10.33 -10.33
CA PHE A 57 6.63 9.00 -10.69
C PHE A 57 7.56 9.12 -11.89
N ILE A 58 8.52 8.20 -11.98
CA ILE A 58 9.48 8.17 -13.07
C ILE A 58 9.56 6.73 -13.62
N LYS A 59 9.56 6.60 -14.93
CA LYS A 59 9.84 5.31 -15.55
C LYS A 59 11.35 5.10 -15.66
N ARG A 60 11.86 4.00 -15.10
CA ARG A 60 13.30 3.78 -15.18
C ARG A 60 13.75 3.57 -16.63
N GLY A 61 14.95 4.03 -16.94
CA GLY A 61 15.44 3.84 -18.30
C GLY A 61 15.09 4.95 -19.26
N ASP A 62 13.82 5.33 -19.39
CA ASP A 62 13.53 6.41 -20.33
C ASP A 62 13.14 7.69 -19.61
N HIS A 63 13.13 7.67 -18.28
CA HIS A 63 13.01 8.86 -17.44
C HIS A 63 11.69 9.59 -17.64
N SER A 64 10.66 8.95 -18.20
CA SER A 64 9.38 9.63 -18.31
C SER A 64 8.81 9.86 -16.91
N THR A 65 8.15 11.01 -16.72
CA THR A 65 7.70 11.44 -15.41
C THR A 65 6.22 11.77 -15.41
N TYR A 66 5.61 11.66 -14.23
CA TYR A 66 4.28 12.18 -13.96
C TYR A 66 4.38 13.02 -12.70
N TYR A 67 3.69 14.16 -12.70
CA TYR A 67 3.50 15.00 -11.52
C TYR A 67 2.02 15.33 -11.40
N THR A 68 1.49 15.22 -10.18
CA THR A 68 0.13 15.69 -9.94
C THR A 68 0.07 17.21 -10.02
N ASP A 69 -1.04 17.73 -10.55
CA ASP A 69 -1.13 19.16 -10.89
C ASP A 69 -0.70 20.05 -9.72
N SER A 70 -1.08 19.65 -8.52
CA SER A 70 -0.79 20.38 -7.28
C SER A 70 0.70 20.68 -7.07
N VAL A 71 1.60 19.88 -7.65
CA VAL A 71 3.02 19.98 -7.35
C VAL A 71 3.87 20.41 -8.54
N LYS A 72 3.30 20.52 -9.74
CA LYS A 72 4.08 20.92 -10.90
C LYS A 72 4.74 22.27 -10.64
N GLY A 73 6.02 22.39 -11.01
CA GLY A 73 6.77 23.61 -10.83
C GLY A 73 7.42 23.77 -9.47
N ARG A 74 7.09 22.90 -8.51
CA ARG A 74 7.72 22.92 -7.20
C ARG A 74 8.52 21.65 -6.92
N PHE A 75 8.02 20.51 -7.39
CA PHE A 75 8.59 19.19 -7.14
C PHE A 75 9.33 18.68 -8.37
N THR A 76 10.44 17.99 -8.13
CA THR A 76 11.19 17.37 -9.22
C THR A 76 11.62 15.98 -8.80
N ILE A 77 11.28 14.99 -9.63
CA ILE A 77 11.67 13.60 -9.41
C ILE A 77 12.78 13.25 -10.39
N SER A 78 13.80 12.58 -9.88
CA SER A 78 14.98 12.28 -10.67
C SER A 78 15.39 10.87 -10.32
N GLN A 79 16.04 10.19 -11.25
CA GLN A 79 16.52 8.84 -11.04
C GLN A 79 18.02 8.75 -11.25
N ASP A 80 18.69 8.06 -10.33
CA ASP A 80 20.12 7.72 -10.45
C ASP A 80 20.18 6.26 -10.91
N SER A 81 20.39 6.04 -12.21
CA SER A 81 20.53 4.69 -12.75
C SER A 81 21.52 3.85 -11.95
N ALA A 82 22.72 4.39 -11.69
CA ALA A 82 23.81 3.58 -11.18
C ALA A 82 23.66 3.23 -9.70
N LYS A 83 23.13 4.16 -8.90
CA LYS A 83 22.99 3.91 -7.46
C LYS A 83 21.65 3.27 -7.13
N ASN A 84 20.79 3.07 -8.14
CA ASN A 84 19.52 2.35 -7.98
C ASN A 84 18.55 3.09 -7.05
N THR A 85 18.57 4.42 -7.11
CA THR A 85 17.73 5.24 -6.25
C THR A 85 16.93 6.21 -7.09
N VAL A 86 15.81 6.62 -6.53
CA VAL A 86 15.02 7.73 -7.06
C VAL A 86 14.93 8.75 -5.94
N SER A 87 14.83 10.03 -6.31
CA SER A 87 14.68 11.05 -5.30
C SER A 87 13.68 12.10 -5.76
N LEU A 88 13.11 12.79 -4.77
CA LEU A 88 12.06 13.78 -4.99
C LEU A 88 12.47 15.07 -4.29
N GLN A 89 12.80 16.10 -5.06
CA GLN A 89 13.13 17.40 -4.49
C GLN A 89 11.86 18.24 -4.41
N MET A 90 11.51 18.67 -3.20
CA MET A 90 10.24 19.37 -2.98
C MET A 90 10.54 20.79 -2.54
N ASN A 91 10.39 21.75 -3.46
CA ASN A 91 10.61 23.15 -3.14
C ASN A 91 9.28 23.88 -2.97
N ASN A 92 9.35 25.08 -2.41
CA ASN A 92 8.21 25.94 -2.13
C ASN A 92 7.05 25.14 -1.52
N LEU A 93 7.38 24.47 -0.42
CA LEU A 93 6.44 23.57 0.22
C LEU A 93 5.32 24.35 0.91
N LYS A 94 4.11 23.84 0.78
CA LYS A 94 2.90 24.45 1.28
C LYS A 94 2.27 23.57 2.34
N PRO A 95 1.45 24.14 3.24
CA PRO A 95 0.74 23.29 4.21
C PRO A 95 -0.04 22.15 3.57
N GLU A 96 -0.59 22.36 2.37
CA GLU A 96 -1.33 21.29 1.70
C GLU A 96 -0.46 20.07 1.39
N ASP A 97 0.86 20.20 1.49
CA ASP A 97 1.81 19.13 1.19
C ASP A 97 2.12 18.25 2.39
N THR A 98 1.70 18.65 3.58
CA THR A 98 1.90 17.81 4.76
C THR A 98 1.22 16.44 4.58
N ALA A 99 1.98 15.37 4.77
CA ALA A 99 1.47 14.00 4.60
C ALA A 99 2.56 13.00 4.95
N ILE A 100 2.17 11.72 5.02
CA ILE A 100 3.14 10.63 4.94
C ILE A 100 3.33 10.27 3.48
N TYR A 101 4.58 10.26 3.04
CA TYR A 101 4.92 10.00 1.64
C TYR A 101 5.47 8.58 1.55
N TYR A 102 4.90 7.78 0.67
CA TYR A 102 5.25 6.38 0.52
C TYR A 102 5.91 6.14 -0.82
N CYS A 103 7.11 5.55 -0.80
CA CYS A 103 7.75 5.09 -2.02
C CYS A 103 7.05 3.85 -2.59
N ALA A 104 7.06 3.74 -3.91
CA ALA A 104 6.36 2.61 -4.52
C ALA A 104 6.97 2.26 -5.86
N ALA A 105 6.81 1.00 -6.25
CA ALA A 105 7.33 0.48 -7.51
C ALA A 105 6.33 -0.52 -8.04
N ASP A 106 6.27 -0.65 -9.37
CA ASP A 106 5.29 -1.56 -9.96
C ASP A 106 6.01 -2.73 -10.59
N PHE A 107 5.23 -3.75 -10.92
CA PHE A 107 5.76 -4.90 -11.65
C PHE A 107 6.25 -4.44 -13.03
N ALA A 108 7.32 -5.05 -13.48
CA ALA A 108 7.98 -4.68 -14.74
C ALA A 108 7.09 -4.99 -15.95
N HIS A 109 7.33 -4.22 -17.01
CA HIS A 109 6.47 -4.19 -18.20
C HIS A 109 7.25 -3.54 -19.34
N SER A 110 6.59 -3.42 -20.48
CA SER A 110 7.25 -2.91 -21.68
C SER A 110 7.63 -1.43 -21.51
N PHE A 111 8.67 -1.00 -22.24
CA PHE A 111 8.95 0.44 -22.29
C PHE A 111 7.82 1.20 -22.97
N LEU A 112 6.97 0.52 -23.72
CA LEU A 112 5.92 1.19 -24.49
C LEU A 112 4.82 1.77 -23.60
N LEU A 113 4.72 1.31 -22.36
CA LEU A 113 3.67 1.82 -21.49
C LEU A 113 4.06 3.15 -20.87
N SER A 114 3.07 4.03 -20.70
CA SER A 114 3.35 5.31 -20.08
C SER A 114 3.65 5.10 -18.60
N VAL A 115 4.41 6.04 -18.02
CA VAL A 115 4.75 5.92 -16.62
C VAL A 115 3.46 5.83 -15.81
N HIS A 116 3.43 4.94 -14.85
CA HIS A 116 2.21 4.65 -14.14
C HIS A 116 2.10 5.54 -12.92
N SER A 117 0.87 5.89 -12.58
CA SER A 117 0.62 6.82 -11.50
C SER A 117 -0.58 6.45 -10.65
N GLY A 118 -1.31 5.37 -10.94
CA GLY A 118 -2.43 4.97 -10.10
C GLY A 118 -1.97 4.07 -8.97
N ALA A 119 -2.55 4.29 -7.78
CA ALA A 119 -2.18 3.48 -6.62
C ALA A 119 -2.42 1.99 -6.86
N GLY A 120 -3.47 1.65 -7.60
CA GLY A 120 -3.76 0.26 -7.90
C GLY A 120 -2.76 -0.39 -8.85
N GLN A 121 -1.92 0.39 -9.50
CA GLN A 121 -0.94 -0.12 -10.44
C GLN A 121 0.38 -0.43 -9.77
N TYR A 122 0.52 -0.16 -8.48
CA TYR A 122 1.79 -0.35 -7.78
C TYR A 122 1.68 -1.47 -6.77
N SER A 123 2.70 -2.33 -6.76
CA SER A 123 2.65 -3.56 -5.99
C SER A 123 3.65 -3.59 -4.84
N TYR A 124 4.72 -2.80 -4.93
CA TYR A 124 5.74 -2.72 -3.88
C TYR A 124 5.62 -1.37 -3.21
N TRP A 125 5.61 -1.37 -1.87
CA TRP A 125 5.41 -0.16 -1.10
C TRP A 125 6.43 -0.08 0.02
N GLY A 126 6.91 1.14 0.27
CA GLY A 126 7.71 1.41 1.44
C GLY A 126 6.84 1.68 2.65
N GLN A 127 7.50 1.78 3.82
CA GLN A 127 6.74 1.94 5.06
C GLN A 127 6.20 3.34 5.27
N GLY A 128 6.80 4.35 4.66
CA GLY A 128 6.29 5.69 4.84
C GLY A 128 7.31 6.63 5.45
N THR A 129 7.25 7.91 5.07
CA THR A 129 8.14 8.94 5.62
C THR A 129 7.33 10.21 5.79
N GLN A 130 7.34 10.76 7.01
CA GLN A 130 6.50 11.89 7.37
C GLN A 130 7.03 13.21 6.81
N VAL A 131 6.12 14.02 6.26
CA VAL A 131 6.40 15.37 5.77
C VAL A 131 5.40 16.34 6.41
N THR A 132 5.90 17.38 7.06
CA THR A 132 5.05 18.37 7.71
C THR A 132 5.52 19.77 7.35
N VAL A 133 4.60 20.62 6.89
CA VAL A 133 4.90 22.01 6.53
C VAL A 133 4.06 22.89 7.44
N SER A 134 4.71 23.60 8.36
CA SER A 134 4.02 24.49 9.28
C SER A 134 3.71 25.84 8.64
N SER A 135 2.82 26.59 9.27
CA SER A 135 2.53 27.96 8.86
C SER A 135 3.76 28.83 9.02
N SER B 4 -0.40 11.57 8.05
CA SER B 4 -1.46 10.61 8.36
C SER B 4 -1.33 10.04 9.76
N GLN B 5 -2.47 9.66 10.34
CA GLN B 5 -2.50 9.04 11.66
C GLN B 5 -2.74 7.53 11.61
N VAL B 6 -3.69 7.06 10.81
CA VAL B 6 -3.92 5.61 10.70
C VAL B 6 -2.74 4.96 9.99
N GLN B 7 -2.23 3.86 10.59
CA GLN B 7 -1.14 3.05 10.05
C GLN B 7 -1.45 1.58 10.32
N LEU B 8 -1.41 0.77 9.27
CA LEU B 8 -1.63 -0.67 9.35
C LEU B 8 -0.31 -1.45 9.34
N GLU B 9 -0.17 -2.39 10.27
CA GLU B 9 1.01 -3.25 10.33
C GLU B 9 0.61 -4.68 10.02
N GLU B 10 1.22 -5.27 8.98
CA GLU B 10 0.87 -6.63 8.58
C GLU B 10 1.88 -7.64 9.08
N SER B 11 1.43 -8.88 9.21
CA SER B 11 2.30 -9.96 9.62
C SER B 11 1.74 -11.28 9.10
N GLY B 12 2.61 -12.28 8.97
CA GLY B 12 2.21 -13.58 8.51
C GLY B 12 2.52 -13.85 7.06
N GLY B 13 1.76 -14.72 6.42
CA GLY B 13 2.02 -15.05 5.02
C GLY B 13 2.88 -16.29 4.87
N GLY B 14 3.71 -16.32 3.83
CA GLY B 14 4.62 -17.42 3.65
C GLY B 14 4.33 -18.36 2.49
N SER B 15 4.72 -19.62 2.66
CA SER B 15 4.58 -20.61 1.59
C SER B 15 4.18 -21.95 2.17
N VAL B 16 3.26 -22.64 1.48
CA VAL B 16 2.86 -24.00 1.80
C VAL B 16 2.42 -24.66 0.50
N GLN B 17 2.35 -25.98 0.53
CA GLN B 17 1.83 -26.73 -0.60
C GLN B 17 0.32 -26.61 -0.65
N ALA B 18 -0.23 -26.81 -1.84
CA ALA B 18 -1.68 -26.80 -2.03
C ALA B 18 -2.36 -27.73 -1.03
N GLY B 19 -3.50 -27.28 -0.48
CA GLY B 19 -4.22 -27.99 0.53
C GLY B 19 -3.87 -27.61 1.95
N GLY B 20 -2.68 -27.06 2.17
CA GLY B 20 -2.24 -26.63 3.49
C GLY B 20 -2.89 -25.33 3.92
N SER B 21 -2.36 -24.77 5.00
CA SER B 21 -2.96 -23.59 5.61
C SER B 21 -1.89 -22.54 5.93
N LEU B 22 -2.34 -21.29 5.96
CA LEU B 22 -1.54 -20.15 6.36
C LEU B 22 -2.45 -19.16 7.08
N ARG B 23 -1.84 -18.20 7.74
CA ARG B 23 -2.59 -17.18 8.46
C ARG B 23 -1.93 -15.82 8.27
N LEU B 24 -2.76 -14.82 7.98
CA LEU B 24 -2.32 -13.43 7.93
C LEU B 24 -2.87 -12.70 9.14
N SER B 25 -2.18 -11.64 9.55
CA SER B 25 -2.61 -10.78 10.63
C SER B 25 -2.32 -9.34 10.28
N CYS B 26 -3.09 -8.43 10.89
CA CYS B 26 -2.94 -7.02 10.65
C CYS B 26 -3.39 -6.26 11.88
N ALA B 27 -2.71 -5.14 12.17
CA ALA B 27 -3.01 -4.34 13.35
C ALA B 27 -3.08 -2.87 12.93
N ALA B 28 -4.12 -2.19 13.36
CA ALA B 28 -4.33 -0.78 13.05
C ALA B 28 -3.86 0.09 14.20
N SER B 29 -3.50 1.33 13.87
CA SER B 29 -2.90 2.27 14.81
C SER B 29 -3.22 3.69 14.36
N GLY B 30 -3.61 4.55 15.30
CA GLY B 30 -3.83 5.95 14.99
C GLY B 30 -5.26 6.38 14.68
N TYR B 31 -6.23 5.50 14.83
CA TYR B 31 -7.63 5.90 14.78
C TYR B 31 -7.94 6.72 16.02
N MET B 32 -8.69 7.80 15.85
CA MET B 32 -9.03 8.63 16.99
C MET B 32 -10.04 7.89 17.85
N TYR B 33 -9.89 8.02 19.17
CA TYR B 33 -10.81 7.37 20.08
C TYR B 33 -12.21 7.94 19.91
N SER B 34 -13.21 7.07 19.94
CA SER B 34 -14.60 7.49 19.83
C SER B 34 -15.45 6.24 20.02
N THR B 35 -16.24 6.21 21.11
CA THR B 35 -17.05 5.03 21.38
C THR B 35 -18.22 4.86 20.43
N TYR B 36 -18.67 5.93 19.78
CA TYR B 36 -19.78 5.87 18.84
C TYR B 36 -19.33 5.72 17.39
N SER B 37 -18.05 5.46 17.13
CA SER B 37 -17.54 5.29 15.78
C SER B 37 -16.82 3.96 15.68
N THR B 38 -16.76 3.41 14.47
CA THR B 38 -16.08 2.14 14.24
C THR B 38 -15.51 2.16 12.83
N TYR B 39 -14.91 1.04 12.43
CA TYR B 39 -14.34 0.95 11.10
C TYR B 39 -14.20 -0.52 10.75
N CYS B 40 -13.94 -0.77 9.47
CA CYS B 40 -13.84 -2.10 8.90
C CYS B 40 -12.38 -2.36 8.52
N MET B 41 -12.01 -3.63 8.51
CA MET B 41 -10.65 -4.04 8.21
C MET B 41 -10.69 -5.35 7.43
N GLY B 42 -9.76 -5.52 6.50
CA GLY B 42 -9.71 -6.76 5.76
C GLY B 42 -8.52 -6.85 4.83
N TRP B 43 -8.64 -7.73 3.84
CA TRP B 43 -7.57 -7.96 2.88
C TRP B 43 -8.12 -7.93 1.47
N PHE B 44 -7.40 -7.22 0.61
CA PHE B 44 -7.45 -7.39 -0.83
C PHE B 44 -6.24 -8.22 -1.23
N ARG B 45 -6.34 -8.87 -2.38
CA ARG B 45 -5.20 -9.59 -2.89
C ARG B 45 -5.04 -9.31 -4.38
N GLN B 46 -3.82 -9.48 -4.87
CA GLN B 46 -3.54 -9.38 -6.29
C GLN B 46 -2.73 -10.61 -6.68
N ALA B 47 -3.30 -11.43 -7.53
CA ALA B 47 -2.71 -12.65 -8.03
C ALA B 47 -1.81 -12.34 -9.22
N PRO B 48 -0.86 -13.23 -9.53
CA PRO B 48 0.02 -13.00 -10.68
C PRO B 48 -0.77 -12.73 -11.94
N GLY B 49 -0.45 -11.64 -12.62
CA GLY B 49 -1.11 -11.31 -13.86
C GLY B 49 -2.60 -10.98 -13.75
N LYS B 50 -3.12 -10.70 -12.56
CA LYS B 50 -4.56 -10.50 -12.42
C LYS B 50 -4.87 -9.21 -11.66
N GLU B 51 -6.11 -8.76 -11.83
CA GLU B 51 -6.58 -7.57 -11.14
C GLU B 51 -6.77 -7.84 -9.64
N ARG B 52 -6.57 -6.79 -8.84
CA ARG B 52 -6.80 -6.87 -7.42
C ARG B 52 -8.27 -7.17 -7.12
N GLU B 53 -8.50 -7.95 -6.06
CA GLU B 53 -9.85 -8.33 -5.66
C GLU B 53 -9.91 -8.36 -4.14
N GLY B 54 -11.09 -8.06 -3.60
CA GLY B 54 -11.29 -8.15 -2.16
C GLY B 54 -11.44 -9.60 -1.74
N VAL B 55 -10.88 -9.92 -0.58
CA VAL B 55 -10.88 -11.29 -0.08
C VAL B 55 -11.85 -11.47 1.08
N ALA B 56 -11.67 -10.71 2.16
CA ALA B 56 -12.53 -10.84 3.32
C ALA B 56 -12.39 -9.60 4.17
N PHE B 57 -13.48 -9.24 4.84
CA PHE B 57 -13.53 -8.01 5.62
C PHE B 57 -14.35 -8.23 6.87
N ILE B 58 -14.00 -7.48 7.92
CA ILE B 58 -14.70 -7.52 9.19
C ILE B 58 -14.98 -6.09 9.61
N LYS B 59 -16.21 -5.83 10.03
CA LYS B 59 -16.57 -4.59 10.72
C LYS B 59 -16.18 -4.80 12.17
N ARG B 60 -15.19 -4.06 12.67
CA ARG B 60 -14.70 -4.33 14.01
C ARG B 60 -15.74 -4.06 15.08
N GLY B 61 -16.65 -3.12 14.80
CA GLY B 61 -17.65 -2.76 15.79
C GLY B 61 -18.57 -3.90 16.16
N ASP B 62 -19.12 -4.60 15.17
CA ASP B 62 -20.12 -5.64 15.40
C ASP B 62 -19.69 -7.05 14.97
N HIS B 63 -18.44 -7.23 14.54
CA HIS B 63 -17.88 -8.53 14.16
C HIS B 63 -18.51 -9.13 12.91
N SER B 64 -19.36 -8.39 12.20
CA SER B 64 -19.95 -8.91 10.96
C SER B 64 -18.88 -8.96 9.86
N THR B 65 -18.99 -9.96 8.99
CA THR B 65 -17.95 -10.28 8.03
C THR B 65 -18.49 -10.34 6.61
N TYR B 66 -17.60 -10.11 5.64
CA TYR B 66 -17.85 -10.34 4.23
C TYR B 66 -16.71 -11.21 3.69
N TYR B 67 -17.07 -12.18 2.84
CA TYR B 67 -16.12 -13.03 2.15
C TYR B 67 -16.44 -13.05 0.66
N THR B 68 -15.40 -12.97 -0.16
CA THR B 68 -15.61 -13.20 -1.58
C THR B 68 -15.96 -14.67 -1.79
N ASP B 69 -16.84 -14.94 -2.77
CA ASP B 69 -17.41 -16.27 -2.93
C ASP B 69 -16.31 -17.33 -3.04
N SER B 70 -15.22 -16.99 -3.75
CA SER B 70 -14.12 -17.92 -4.01
C SER B 70 -13.54 -18.54 -2.75
N VAL B 71 -13.64 -17.88 -1.59
CA VAL B 71 -12.94 -18.32 -0.40
C VAL B 71 -13.89 -18.77 0.70
N LYS B 72 -15.19 -18.64 0.51
CA LYS B 72 -16.14 -19.04 1.55
C LYS B 72 -15.92 -20.50 1.92
N GLY B 73 -15.88 -20.77 3.22
CA GLY B 73 -15.70 -22.11 3.70
C GLY B 73 -14.25 -22.55 3.80
N ARG B 74 -13.32 -21.78 3.25
CA ARG B 74 -11.91 -22.05 3.34
C ARG B 74 -11.16 -21.01 4.16
N PHE B 75 -11.54 -19.74 4.01
CA PHE B 75 -10.96 -18.62 4.72
C PHE B 75 -11.95 -18.15 5.79
N THR B 76 -11.44 -17.74 6.95
CA THR B 76 -12.30 -17.08 7.94
C THR B 76 -11.51 -15.91 8.54
N ILE B 77 -12.15 -14.74 8.57
CA ILE B 77 -11.55 -13.53 9.11
C ILE B 77 -12.06 -13.33 10.54
N SER B 78 -11.14 -13.03 11.44
CA SER B 78 -11.39 -13.03 12.87
C SER B 78 -10.65 -11.86 13.51
N GLN B 79 -11.20 -11.33 14.59
CA GLN B 79 -10.51 -10.27 15.32
C GLN B 79 -10.25 -10.72 16.75
N ASP B 80 -9.03 -10.43 17.20
CA ASP B 80 -8.58 -10.78 18.54
C ASP B 80 -8.86 -9.60 19.47
N SER B 81 -9.91 -9.76 20.28
CA SER B 81 -10.27 -8.77 21.28
C SER B 81 -9.05 -8.26 22.04
N ALA B 82 -8.23 -9.18 22.56
CA ALA B 82 -7.16 -8.82 23.50
C ALA B 82 -5.95 -8.19 22.80
N LYS B 83 -5.59 -8.67 21.60
CA LYS B 83 -4.40 -8.17 20.95
C LYS B 83 -4.65 -6.99 20.02
N ASN B 84 -5.90 -6.57 19.82
CA ASN B 84 -6.21 -5.44 18.96
C ASN B 84 -5.74 -5.71 17.52
N THR B 85 -5.94 -6.97 17.09
CA THR B 85 -5.53 -7.43 15.77
C THR B 85 -6.69 -8.13 15.07
N VAL B 86 -6.58 -8.16 13.75
CA VAL B 86 -7.46 -8.95 12.90
C VAL B 86 -6.58 -9.98 12.20
N SER B 87 -7.15 -11.14 11.94
CA SER B 87 -6.39 -12.17 11.25
C SER B 87 -7.26 -12.92 10.27
N LEU B 88 -6.60 -13.54 9.30
CA LEU B 88 -7.26 -14.25 8.21
C LEU B 88 -6.68 -15.66 8.17
N GLN B 89 -7.49 -16.64 8.56
CA GLN B 89 -7.09 -18.04 8.53
C GLN B 89 -7.47 -18.63 7.17
N MET B 90 -6.49 -19.18 6.46
CA MET B 90 -6.69 -19.66 5.10
C MET B 90 -6.46 -21.18 5.06
N ASN B 91 -7.55 -21.95 4.98
CA ASN B 91 -7.45 -23.40 4.92
C ASN B 91 -7.65 -23.89 3.49
N ASN B 92 -7.25 -25.14 3.27
CA ASN B 92 -7.36 -25.81 1.98
C ASN B 92 -6.94 -24.89 0.84
N LEU B 93 -5.71 -24.39 0.95
CA LEU B 93 -5.21 -23.38 0.03
C LEU B 93 -5.00 -23.98 -1.36
N LYS B 94 -5.34 -23.19 -2.38
CA LYS B 94 -5.29 -23.58 -3.78
C LYS B 94 -4.28 -22.72 -4.51
N PRO B 95 -3.77 -23.18 -5.65
CA PRO B 95 -2.86 -22.30 -6.44
C PRO B 95 -3.49 -20.96 -6.78
N GLU B 96 -4.81 -20.92 -7.00
CA GLU B 96 -5.45 -19.65 -7.32
C GLU B 96 -5.31 -18.62 -6.20
N ASP B 97 -4.95 -19.04 -4.99
CA ASP B 97 -4.86 -18.12 -3.86
C ASP B 97 -3.50 -17.45 -3.74
N THR B 98 -2.50 -17.93 -4.48
CA THR B 98 -1.21 -17.26 -4.48
C THR B 98 -1.40 -15.82 -4.93
N ALA B 99 -0.88 -14.87 -4.13
CA ALA B 99 -1.06 -13.46 -4.39
C ALA B 99 -0.27 -12.67 -3.36
N ILE B 100 -0.13 -11.38 -3.62
CA ILE B 100 0.22 -10.42 -2.59
C ILE B 100 -1.08 -9.95 -1.93
N TYR B 101 -1.15 -10.07 -0.61
CA TYR B 101 -2.35 -9.74 0.16
C TYR B 101 -2.10 -8.43 0.90
N TYR B 102 -3.01 -7.48 0.72
CA TYR B 102 -2.88 -6.15 1.32
C TYR B 102 -3.95 -5.98 2.38
N CYS B 103 -3.52 -5.69 3.60
CA CYS B 103 -4.45 -5.26 4.61
C CYS B 103 -4.96 -3.87 4.27
N ALA B 104 -6.20 -3.59 4.67
CA ALA B 104 -6.85 -2.34 4.34
C ALA B 104 -7.85 -2.01 5.44
N ALA B 105 -8.13 -0.71 5.62
CA ALA B 105 -9.07 -0.24 6.62
C ALA B 105 -9.71 1.04 6.08
N ASP B 106 -10.89 1.37 6.58
CA ASP B 106 -11.62 2.53 6.06
C ASP B 106 -11.66 3.68 7.07
N PHE B 107 -12.13 4.84 6.60
CA PHE B 107 -12.34 5.98 7.48
C PHE B 107 -13.36 5.61 8.55
N ALA B 108 -13.13 6.09 9.78
CA ALA B 108 -14.05 5.77 10.86
C ALA B 108 -15.45 6.28 10.54
N HIS B 109 -16.47 5.54 11.00
CA HIS B 109 -17.82 5.81 10.56
C HIS B 109 -18.81 5.23 11.56
N SER B 110 -20.08 5.48 11.28
CA SER B 110 -21.13 5.14 12.22
C SER B 110 -21.26 3.62 12.33
N PHE B 111 -21.69 3.18 13.50
CA PHE B 111 -22.03 1.77 13.70
C PHE B 111 -23.24 1.35 12.89
N LEU B 112 -24.03 2.31 12.43
CA LEU B 112 -25.25 1.98 11.71
C LEU B 112 -24.99 1.55 10.27
N LEU B 113 -23.75 1.66 9.78
CA LEU B 113 -23.36 1.16 8.45
C LEU B 113 -22.92 -0.30 8.51
N SER B 114 -23.27 -1.06 7.47
CA SER B 114 -22.87 -2.48 7.39
C SER B 114 -21.45 -2.60 6.85
N VAL B 115 -20.86 -3.79 7.06
CA VAL B 115 -19.46 -4.03 6.68
C VAL B 115 -19.21 -3.66 5.22
N HIS B 116 -18.06 -3.01 4.99
CA HIS B 116 -17.66 -2.53 3.68
C HIS B 116 -16.74 -3.53 2.98
N SER B 117 -16.83 -3.57 1.65
CA SER B 117 -16.02 -4.52 0.91
C SER B 117 -15.45 -4.07 -0.44
N GLY B 118 -15.79 -2.87 -0.93
CA GLY B 118 -15.23 -2.40 -2.20
C GLY B 118 -13.93 -1.63 -2.01
N ALA B 119 -13.00 -1.79 -2.96
CA ALA B 119 -11.76 -1.03 -2.87
C ALA B 119 -12.04 0.46 -2.77
N GLY B 120 -13.09 0.94 -3.42
CA GLY B 120 -13.41 2.36 -3.33
C GLY B 120 -13.90 2.80 -1.96
N GLN B 121 -14.23 1.87 -1.09
CA GLN B 121 -14.65 2.21 0.26
C GLN B 121 -13.50 2.18 1.27
N TYR B 122 -12.31 1.73 0.87
CA TYR B 122 -11.19 1.53 1.77
C TYR B 122 -10.11 2.57 1.48
N SER B 123 -9.51 3.12 2.53
CA SER B 123 -8.65 4.28 2.37
C SER B 123 -7.24 4.10 2.90
N TYR B 124 -7.02 3.19 3.85
CA TYR B 124 -5.70 2.93 4.44
C TYR B 124 -5.21 1.56 4.00
N TRP B 125 -3.94 1.47 3.63
CA TRP B 125 -3.40 0.24 3.04
C TRP B 125 -2.09 -0.18 3.67
N GLY B 126 -1.94 -1.49 3.87
CA GLY B 126 -0.66 -2.03 4.26
C GLY B 126 0.24 -2.21 3.07
N GLN B 127 1.50 -2.58 3.36
N GLN B 127 1.48 -2.60 3.34
CA GLN B 127 2.50 -2.68 2.30
CA GLN B 127 2.51 -2.67 2.31
C GLN B 127 2.25 -3.88 1.40
C GLN B 127 2.56 -4.01 1.60
N GLY B 128 1.65 -4.93 1.92
CA GLY B 128 1.49 -6.16 1.17
C GLY B 128 2.33 -7.29 1.74
N THR B 129 1.77 -8.49 1.69
CA THR B 129 2.43 -9.68 2.23
C THR B 129 2.22 -10.83 1.27
N GLN B 130 3.32 -11.46 0.86
CA GLN B 130 3.28 -12.50 -0.16
C GLN B 130 2.72 -13.80 0.43
N VAL B 131 1.79 -14.42 -0.29
CA VAL B 131 1.24 -15.72 0.05
C VAL B 131 1.45 -16.59 -1.18
N THR B 132 2.09 -17.74 -1.00
CA THR B 132 2.44 -18.62 -2.11
C THR B 132 1.94 -20.03 -1.84
N VAL B 133 1.28 -20.60 -2.83
CA VAL B 133 0.73 -21.94 -2.75
C VAL B 133 1.48 -22.78 -3.77
N SER B 134 2.25 -23.75 -3.29
CA SER B 134 3.06 -24.68 -4.07
C SER B 134 2.18 -25.78 -4.67
N SER B 135 2.80 -26.63 -5.49
CA SER B 135 2.13 -27.82 -6.03
C SER B 135 1.68 -28.79 -4.95
ZN ZN C . 5.06 1.25 -14.68
C1 EDO D . -1.63 0.01 -19.28
O1 EDO D . -0.52 0.59 -18.58
C2 EDO D . -2.24 1.00 -20.28
O2 EDO D . -1.24 1.47 -21.19
C1 EDO E . -2.15 -1.19 -3.24
O1 EDO E . -1.84 -1.61 -4.58
C2 EDO E . -3.62 -1.48 -3.03
O2 EDO E . -3.92 -2.69 -3.76
C1 EDO F . 0.87 2.77 2.22
O1 EDO F . 1.32 1.46 2.62
C2 EDO F . -0.35 2.62 1.33
O2 EDO F . -0.99 3.89 1.13
C1 EDO G . 7.67 -4.40 -26.79
O1 EDO G . 7.99 -4.88 -25.49
C2 EDO G . 8.28 -5.26 -27.89
O2 EDO G . 7.86 -4.83 -29.21
C1 EDO H . 7.65 15.31 11.41
O1 EDO H . 7.26 16.35 10.52
C2 EDO H . 8.81 14.57 10.77
O2 EDO H . 9.61 13.99 11.80
C1 EDO I . -3.95 11.41 -13.72
O1 EDO I . -3.86 11.87 -15.08
C2 EDO I . -3.27 10.06 -13.60
O2 EDO I . -3.11 9.68 -12.22
C1 EDO J . 7.31 19.72 -12.34
O1 EDO J . 6.66 19.74 -13.60
C2 EDO J . 8.68 20.39 -12.47
O2 EDO J . 9.13 20.80 -11.17
C1 EDO K . 14.12 17.59 10.23
O1 EDO K . 13.36 18.44 9.36
C2 EDO K . 13.25 16.45 10.75
O2 EDO K . 12.14 16.98 11.50
NA NA L . -14.33 3.74 17.91
ZN ZN M . -16.53 0.24 7.19
C1 EDO N . -12.56 4.67 15.49
O1 EDO N . -13.14 5.38 16.59
C2 EDO N . -11.77 3.49 16.04
O2 EDO N . -12.67 2.55 16.63
C1 EDO O . -1.10 -3.40 -12.18
O1 EDO O . -2.02 -3.73 -11.13
C2 EDO O . 0.04 -4.41 -12.11
O2 EDO O . -0.58 -5.69 -12.02
C1 EDO P . -8.48 3.13 -2.28
O1 EDO P . -8.00 4.28 -1.57
C2 EDO P . -9.63 3.45 -3.22
O2 EDO P . -9.54 2.57 -4.36
C1 EDO Q . -20.91 7.99 14.26
O1 EDO Q . -19.57 8.21 13.80
C2 EDO Q . -21.75 9.25 14.20
O2 EDO Q . -21.99 9.65 12.83
C1 EDO R . -10.62 7.77 10.67
O1 EDO R . -9.80 7.92 9.48
C2 EDO R . -9.88 8.30 11.91
O2 EDO R . -10.65 8.16 13.12
C1 EDO S . -14.43 -12.48 14.94
O1 EDO S . -13.96 -11.93 16.17
C2 EDO S . -15.95 -12.35 14.89
O2 EDO S . -16.45 -12.53 13.57
C1 EDO T . -16.23 -18.28 5.27
O1 EDO T . -15.34 -19.12 6.02
C2 EDO T . -17.66 -18.68 5.59
O2 EDO T . -18.54 -17.86 4.81
C1 EDO U . -3.16 -17.29 -9.11
O1 EDO U . -2.84 -17.22 -7.72
C2 EDO U . -4.63 -16.94 -9.35
O2 EDO U . -4.88 -16.80 -10.75
C1 EDO V . -20.66 -11.89 -2.22
O1 EDO V . -19.49 -12.66 -1.94
C2 EDO V . -20.38 -10.96 -3.41
O2 EDO V . -21.29 -9.85 -3.34
C1 EDO W . -15.48 6.98 2.76
O1 EDO W . -14.29 6.20 2.89
C2 EDO W . -15.88 7.04 1.29
O2 EDO W . -16.08 5.71 0.81
#